data_6Z17
#
_entry.id   6Z17
#
_cell.length_a   120.266
_cell.length_b   120.266
_cell.length_c   115.038
_cell.angle_alpha   90.000
_cell.angle_beta   90.000
_cell.angle_gamma   120.000
#
_symmetry.space_group_name_H-M   'P 65 2 2'
#
loop_
_entity.id
_entity.type
_entity.pdbx_description
1 polymer 'Transcriptional regulator MvfR'
2 non-polymer 6-chloranyl-3-[(2-propan-2-yl-2,3-dihydro-1,3-thiazol-4-yl)methyl]quinazolin-4-one
#
_entity_poly.entity_id   1
_entity_poly.type   'polypeptide(L)'
_entity_poly.pdbx_seq_one_letter_code
;MGSSHHHHHHSSGLVPRGSHMASNLRVLLDTAIPPSFCDTVSSVLLDDFNMVSLIRTSPADSLATIKQDNAEIDIAITID
EELKISRFNQCVLGYTKAFVVAHPQHPLCNASLHSIASLANYRQISLGSRSGQHSNLLRPVSDKVLFVENFDDMLRLVEA
GVGWGIAPHYFVEERLRNGTLAVLSELYEPGGIDTKVYCYYNTALESERSFLRFLESARQRLRELGRQRFDDAPAWQPS
;
_entity_poly.pdbx_strand_id   AAA
#
# COMPACT_ATOMS: atom_id res chain seq x y z
N ASN A 24 -12.73 -22.41 6.39
CA ASN A 24 -11.56 -21.48 6.66
C ASN A 24 -11.32 -20.52 5.48
N LEU A 25 -11.33 -19.21 5.76
CA LEU A 25 -11.07 -18.11 4.79
C LEU A 25 -9.73 -17.43 5.11
N ARG A 26 -8.88 -17.27 4.09
CA ARG A 26 -7.53 -16.64 4.18
C ARG A 26 -7.62 -15.29 3.48
N VAL A 27 -7.15 -14.22 4.13
CA VAL A 27 -7.27 -12.82 3.65
C VAL A 27 -5.92 -12.12 3.80
N LEU A 28 -5.48 -11.47 2.73
CA LEU A 28 -4.14 -10.87 2.65
C LEU A 28 -4.34 -9.36 2.59
N LEU A 29 -3.68 -8.63 3.48
CA LEU A 29 -3.72 -7.15 3.49
C LEU A 29 -2.30 -6.62 3.43
N ASP A 30 -1.93 -5.86 2.41
CA ASP A 30 -0.57 -5.29 2.37
C ASP A 30 -0.51 -4.18 3.41
N THR A 31 0.70 -3.75 3.75
CA THR A 31 1.00 -2.89 4.93
C THR A 31 0.82 -1.43 4.53
N ALA A 32 0.26 -1.21 3.34
CA ALA A 32 -0.17 0.11 2.85
C ALA A 32 -1.60 0.39 3.31
N ILE A 33 -2.36 -0.68 3.56
CA ILE A 33 -3.77 -0.59 4.04
C ILE A 33 -3.70 -0.17 5.50
N PRO A 34 -4.36 0.94 5.89
CA PRO A 34 -4.40 1.36 7.28
C PRO A 34 -4.90 0.22 8.14
N PRO A 35 -4.42 0.02 9.38
CA PRO A 35 -4.94 -1.06 10.21
C PRO A 35 -6.31 -0.66 10.82
N SER A 36 -6.63 0.63 10.75
CA SER A 36 -8.03 1.15 10.89
C SER A 36 -8.95 0.16 10.18
N PHE A 37 -8.67 -0.06 8.90
CA PHE A 37 -9.47 -0.87 7.96
C PHE A 37 -9.46 -2.33 8.41
N CYS A 38 -8.29 -2.78 8.83
CA CYS A 38 -8.01 -4.20 9.10
C CYS A 38 -8.98 -4.65 10.21
N ASP A 39 -9.62 -3.68 10.89
CA ASP A 39 -10.74 -3.88 11.86
C ASP A 39 -12.06 -4.07 11.12
N THR A 40 -12.25 -3.24 10.09
CA THR A 40 -13.47 -3.15 9.23
C THR A 40 -13.90 -4.52 8.71
N VAL A 41 -12.97 -5.30 8.21
CA VAL A 41 -13.32 -6.61 7.59
C VAL A 41 -13.59 -7.60 8.72
N SER A 42 -12.76 -7.61 9.75
CA SER A 42 -12.74 -8.65 10.81
C SER A 42 -14.13 -8.84 11.42
N SER A 43 -14.81 -7.76 11.83
CA SER A 43 -16.19 -7.84 12.40
C SER A 43 -17.12 -8.48 11.37
N VAL A 44 -17.02 -8.02 10.12
CA VAL A 44 -18.00 -8.24 9.01
C VAL A 44 -17.91 -9.69 8.55
N LEU A 45 -16.70 -10.08 8.17
CA LEU A 45 -16.34 -11.37 7.53
C LEU A 45 -16.65 -12.52 8.47
N LEU A 46 -16.70 -12.23 9.76
CA LEU A 46 -16.78 -13.27 10.79
C LEU A 46 -18.23 -13.43 11.22
N ASP A 47 -19.07 -12.44 10.87
CA ASP A 47 -20.55 -12.58 10.79
C ASP A 47 -20.89 -13.77 9.88
N ASP A 48 -20.26 -13.85 8.70
CA ASP A 48 -20.54 -14.87 7.65
C ASP A 48 -19.67 -16.11 7.89
N PHE A 49 -18.38 -15.94 8.16
CA PHE A 49 -17.38 -17.05 8.17
C PHE A 49 -16.93 -17.39 9.58
N ASN A 50 -16.35 -18.60 9.71
CA ASN A 50 -16.14 -19.30 11.00
C ASN A 50 -14.67 -19.27 11.41
N MET A 51 -13.80 -19.59 10.46
CA MET A 51 -12.35 -19.29 10.60
C MET A 51 -11.96 -18.25 9.53
N VAL A 52 -11.23 -17.20 9.96
CA VAL A 52 -10.72 -16.09 9.10
C VAL A 52 -9.25 -15.80 9.45
N SER A 53 -8.31 -16.10 8.55
CA SER A 53 -6.87 -15.79 8.79
C SER A 53 -6.48 -14.49 8.07
N LEU A 54 -6.00 -13.50 8.83
CA LEU A 54 -5.47 -12.21 8.32
C LEU A 54 -3.95 -12.31 8.12
N ILE A 55 -3.46 -11.94 6.94
CA ILE A 55 -2.02 -12.04 6.57
C ILE A 55 -1.51 -10.71 6.01
N ARG A 56 -0.47 -10.15 6.64
CA ARG A 56 0.25 -8.94 6.18
C ARG A 56 1.40 -9.33 5.23
N THR A 57 1.56 -8.61 4.10
CA THR A 57 2.73 -8.63 3.16
C THR A 57 3.14 -7.20 2.76
N SER A 58 4.40 -7.01 2.33
CA SER A 58 4.83 -5.84 1.52
C SER A 58 3.87 -5.73 0.35
N PRO A 59 3.42 -4.52 -0.02
CA PRO A 59 2.67 -4.34 -1.27
C PRO A 59 3.44 -4.96 -2.45
N ALA A 60 4.78 -5.00 -2.35
CA ALA A 60 5.67 -5.59 -3.37
C ALA A 60 5.44 -7.10 -3.51
N ASP A 61 4.84 -7.70 -2.49
CA ASP A 61 4.73 -9.16 -2.34
C ASP A 61 3.27 -9.60 -2.34
N SER A 62 2.33 -8.66 -2.23
CA SER A 62 0.86 -8.94 -2.28
C SER A 62 0.53 -9.87 -3.47
N LEU A 63 0.77 -9.45 -4.71
CA LEU A 63 0.27 -10.20 -5.91
C LEU A 63 1.17 -11.40 -6.15
N ALA A 64 2.48 -11.22 -5.96
CA ALA A 64 3.48 -12.31 -6.02
C ALA A 64 2.98 -13.53 -5.22
N THR A 65 2.35 -13.29 -4.07
CA THR A 65 1.93 -14.32 -3.07
C THR A 65 0.69 -15.09 -3.53
N ILE A 66 -0.38 -14.38 -3.85
CA ILE A 66 -1.68 -15.00 -4.22
C ILE A 66 -1.50 -15.91 -5.44
N LYS A 67 -0.51 -15.65 -6.28
CA LYS A 67 -0.31 -16.40 -7.55
C LYS A 67 0.31 -17.77 -7.23
N GLN A 68 0.95 -17.93 -6.07
CA GLN A 68 1.34 -19.27 -5.54
C GLN A 68 0.08 -20.07 -5.18
N ASP A 69 -0.29 -21.07 -6.01
CA ASP A 69 -1.53 -21.86 -5.79
C ASP A 69 -1.58 -22.39 -4.35
N ASN A 70 -0.44 -22.88 -3.87
CA ASN A 70 -0.26 -23.51 -2.53
C ASN A 70 -0.56 -22.51 -1.40
N ALA A 71 -0.42 -21.21 -1.63
CA ALA A 71 -0.63 -20.16 -0.60
C ALA A 71 -2.13 -20.06 -0.29
N GLU A 72 -2.98 -20.51 -1.23
CA GLU A 72 -4.43 -20.69 -1.00
C GLU A 72 -5.06 -19.44 -0.36
N ILE A 73 -4.64 -18.25 -0.79
CA ILE A 73 -5.30 -16.94 -0.49
C ILE A 73 -6.64 -16.88 -1.24
N ASP A 74 -7.67 -16.34 -0.57
CA ASP A 74 -9.05 -16.24 -1.11
C ASP A 74 -9.36 -14.77 -1.41
N ILE A 75 -8.83 -13.85 -0.60
CA ILE A 75 -9.02 -12.38 -0.77
C ILE A 75 -7.70 -11.68 -0.47
N ALA A 76 -7.37 -10.69 -1.27
CA ALA A 76 -6.20 -9.81 -1.03
C ALA A 76 -6.62 -8.35 -1.18
N ILE A 77 -6.28 -7.56 -0.17
CA ILE A 77 -6.52 -6.09 -0.15
C ILE A 77 -5.16 -5.47 -0.34
N THR A 78 -4.91 -4.88 -1.50
CA THR A 78 -3.56 -4.42 -1.89
C THR A 78 -3.68 -3.22 -2.83
N ILE A 79 -2.69 -2.32 -2.78
CA ILE A 79 -2.65 -1.10 -3.65
C ILE A 79 -2.05 -1.44 -5.02
N ASP A 80 -1.41 -2.60 -5.14
CA ASP A 80 -0.73 -3.02 -6.39
C ASP A 80 -1.77 -3.39 -7.44
N GLU A 81 -1.50 -3.07 -8.70
CA GLU A 81 -2.45 -3.30 -9.82
C GLU A 81 -1.78 -4.25 -10.81
N GLU A 82 -2.56 -5.18 -11.33
CA GLU A 82 -2.14 -6.08 -12.41
C GLU A 82 -3.38 -6.45 -13.22
N LEU A 83 -3.25 -6.47 -14.56
CA LEU A 83 -4.40 -6.28 -15.47
C LEU A 83 -5.37 -7.45 -15.28
N LYS A 84 -4.96 -8.68 -15.55
CA LYS A 84 -5.74 -9.88 -15.15
C LYS A 84 -4.79 -10.86 -14.47
N ILE A 85 -5.26 -11.52 -13.42
CA ILE A 85 -4.55 -12.63 -12.72
C ILE A 85 -5.44 -13.87 -12.84
N SER A 86 -4.83 -15.06 -12.94
CA SER A 86 -5.56 -16.35 -13.03
C SER A 86 -6.46 -16.53 -11.81
N ARG A 87 -7.66 -17.07 -12.01
CA ARG A 87 -8.46 -17.67 -10.91
C ARG A 87 -8.88 -16.58 -9.93
N PHE A 88 -8.76 -15.30 -10.32
CA PHE A 88 -8.96 -14.13 -9.43
C PHE A 88 -9.55 -12.95 -10.19
N ASN A 89 -10.69 -12.46 -9.71
CA ASN A 89 -11.34 -11.20 -10.17
C ASN A 89 -10.84 -10.02 -9.30
N GLN A 90 -10.80 -8.84 -9.89
CA GLN A 90 -10.35 -7.60 -9.24
C GLN A 90 -11.60 -6.73 -8.99
N CYS A 91 -11.58 -5.83 -8.00
CA CYS A 91 -12.54 -4.71 -7.87
C CYS A 91 -11.98 -3.66 -6.91
N VAL A 92 -12.63 -2.50 -6.77
CA VAL A 92 -12.03 -1.36 -6.04
C VAL A 92 -12.83 -1.13 -4.77
N LEU A 93 -12.20 -1.25 -3.59
CA LEU A 93 -12.87 -1.02 -2.28
C LEU A 93 -12.92 0.47 -2.00
N GLY A 94 -11.87 1.17 -2.43
CA GLY A 94 -11.73 2.62 -2.22
C GLY A 94 -10.32 3.12 -2.49
N TYR A 95 -10.05 4.30 -1.93
CA TYR A 95 -8.88 5.15 -2.23
C TYR A 95 -8.15 5.42 -0.90
N THR A 96 -6.88 5.80 -0.98
CA THR A 96 -6.01 6.11 0.19
C THR A 96 -4.85 7.01 -0.26
N LYS A 97 -4.39 7.88 0.63
CA LYS A 97 -3.37 8.91 0.32
C LYS A 97 -2.01 8.31 0.71
N ALA A 98 -0.98 8.71 -0.02
CA ALA A 98 0.44 8.42 0.24
C ALA A 98 1.25 9.70 -0.03
N PHE A 99 2.37 9.88 0.64
CA PHE A 99 3.20 11.08 0.45
C PHE A 99 4.63 10.67 0.10
N VAL A 100 5.27 11.41 -0.80
CA VAL A 100 6.76 11.41 -0.87
C VAL A 100 7.25 12.22 0.33
N VAL A 101 8.14 11.62 1.12
CA VAL A 101 8.75 12.22 2.35
C VAL A 101 10.28 12.11 2.29
N ALA A 102 10.97 13.04 2.98
CA ALA A 102 12.45 13.10 3.11
C ALA A 102 12.84 13.81 4.43
N HIS A 103 14.14 13.87 4.75
CA HIS A 103 14.59 14.65 5.93
C HIS A 103 14.27 16.12 5.68
N PRO A 104 13.75 16.87 6.68
CA PRO A 104 13.42 18.29 6.48
C PRO A 104 14.58 19.06 5.83
N GLN A 105 15.82 18.65 6.12
CA GLN A 105 17.07 19.32 5.63
C GLN A 105 17.54 18.62 4.36
N HIS A 106 16.74 17.73 3.78
CA HIS A 106 17.09 17.02 2.52
C HIS A 106 17.29 18.06 1.44
N PRO A 107 18.23 17.90 0.48
CA PRO A 107 18.41 18.88 -0.59
C PRO A 107 17.07 19.41 -1.15
N LEU A 108 16.15 18.49 -1.46
CA LEU A 108 14.88 18.77 -2.19
C LEU A 108 13.80 19.29 -1.24
N CYS A 109 14.11 19.59 0.03
CA CYS A 109 13.17 20.21 0.99
C CYS A 109 12.51 21.45 0.38
N ASN A 110 13.21 22.20 -0.52
CA ASN A 110 12.67 23.43 -1.18
C ASN A 110 11.42 23.09 -2.02
N ALA A 111 11.25 21.80 -2.38
CA ALA A 111 10.04 21.10 -2.91
C ALA A 111 9.58 21.67 -4.26
N SER A 112 10.45 22.36 -5.00
CA SER A 112 10.14 23.01 -6.31
C SER A 112 9.76 21.96 -7.35
N LEU A 113 8.94 22.33 -8.33
CA LEU A 113 8.62 21.47 -9.49
C LEU A 113 9.94 21.02 -10.14
N HIS A 114 10.99 21.85 -10.08
CA HIS A 114 12.37 21.46 -10.47
C HIS A 114 12.83 20.27 -9.63
N SER A 115 12.58 20.32 -8.31
CA SER A 115 13.01 19.29 -7.35
C SER A 115 12.19 18.01 -7.59
N ILE A 116 10.92 18.16 -7.98
CA ILE A 116 9.97 17.02 -8.23
C ILE A 116 10.38 16.20 -9.48
N ALA A 117 11.08 16.80 -10.44
CA ALA A 117 11.69 16.08 -11.59
C ALA A 117 12.98 15.36 -11.13
N SER A 118 13.67 15.96 -10.15
CA SER A 118 15.03 15.60 -9.65
C SER A 118 14.97 14.40 -8.70
N LEU A 119 13.81 13.99 -8.24
CA LEU A 119 13.64 12.71 -7.51
C LEU A 119 14.46 11.62 -8.21
N ALA A 120 14.48 11.62 -9.55
CA ALA A 120 15.19 10.65 -10.42
C ALA A 120 16.70 10.61 -10.11
N ASN A 121 17.20 11.60 -9.37
CA ASN A 121 18.64 11.88 -9.17
C ASN A 121 19.08 11.60 -7.75
N TYR A 122 18.19 11.80 -6.77
CA TYR A 122 18.48 11.58 -5.33
C TYR A 122 18.15 10.13 -4.95
N ARG A 123 18.74 9.65 -3.86
CA ARG A 123 18.58 8.24 -3.46
C ARG A 123 17.16 8.04 -2.95
N GLN A 124 16.48 7.05 -3.55
CA GLN A 124 15.15 6.54 -3.14
C GLN A 124 15.36 5.32 -2.23
N ILE A 125 14.65 5.32 -1.10
CA ILE A 125 14.41 4.12 -0.22
C ILE A 125 13.13 3.44 -0.70
N SER A 126 13.25 2.42 -1.55
CA SER A 126 12.10 1.74 -2.19
C SER A 126 11.82 0.39 -1.50
N LEU A 127 10.58 -0.10 -1.57
CA LEU A 127 10.19 -1.42 -1.02
C LEU A 127 10.74 -2.48 -1.96
N GLY A 128 11.57 -3.38 -1.45
CA GLY A 128 11.96 -4.59 -2.20
C GLY A 128 10.84 -5.61 -2.22
N SER A 129 10.98 -6.58 -3.14
CA SER A 129 10.06 -7.71 -3.39
C SER A 129 10.84 -9.02 -3.54
N ARG A 130 10.46 -10.07 -2.79
CA ARG A 130 10.97 -11.45 -2.98
C ARG A 130 11.09 -11.81 -4.47
N SER A 131 10.03 -11.68 -5.27
CA SER A 131 10.12 -12.06 -6.70
C SER A 131 11.30 -11.33 -7.35
N GLY A 132 11.82 -10.27 -6.72
CA GLY A 132 12.86 -9.39 -7.28
C GLY A 132 12.29 -8.46 -8.35
N GLN A 133 11.05 -8.70 -8.78
CA GLN A 133 10.31 -7.95 -9.83
C GLN A 133 9.31 -6.99 -9.18
N HIS A 134 9.02 -5.84 -9.81
CA HIS A 134 8.14 -4.74 -9.33
C HIS A 134 7.14 -4.33 -10.43
N SER A 135 5.90 -3.98 -10.08
CA SER A 135 4.89 -3.42 -11.04
C SER A 135 5.33 -2.02 -11.44
N ASN A 136 4.68 -1.43 -12.47
CA ASN A 136 4.91 -0.01 -12.84
C ASN A 136 4.67 0.84 -11.61
N LEU A 137 3.66 0.45 -10.84
CA LEU A 137 3.20 1.22 -9.65
C LEU A 137 4.33 1.29 -8.64
N LEU A 138 4.90 0.16 -8.20
CA LEU A 138 5.80 0.12 -7.01
C LEU A 138 7.29 0.07 -7.42
N ARG A 139 7.60 -0.10 -8.72
CA ARG A 139 8.99 -0.01 -9.25
C ARG A 139 9.59 1.34 -8.86
N PRO A 140 10.84 1.40 -8.37
CA PRO A 140 11.41 2.68 -7.94
C PRO A 140 11.61 3.61 -9.14
N VAL A 141 11.78 4.90 -8.88
CA VAL A 141 11.83 5.90 -9.98
C VAL A 141 13.28 6.32 -10.21
N SER A 142 14.09 6.54 -9.15
CA SER A 142 15.48 7.05 -9.27
C SER A 142 16.44 5.87 -9.45
N ASP A 143 17.62 6.14 -10.01
CA ASP A 143 18.59 5.05 -10.26
C ASP A 143 19.40 4.81 -8.99
N LYS A 144 19.56 5.82 -8.15
CA LYS A 144 20.12 5.61 -6.79
C LYS A 144 19.01 4.98 -5.94
N VAL A 145 18.87 3.65 -5.92
CA VAL A 145 17.84 2.92 -5.12
C VAL A 145 18.53 2.17 -3.98
N LEU A 146 17.86 2.09 -2.83
CA LEU A 146 18.21 1.23 -1.69
C LEU A 146 16.93 0.52 -1.21
N PHE A 147 16.89 -0.81 -1.26
CA PHE A 147 15.65 -1.61 -1.05
C PHE A 147 15.42 -1.97 0.44
N VAL A 148 14.16 -2.09 0.86
CA VAL A 148 13.79 -2.50 2.24
C VAL A 148 12.57 -3.43 2.19
N GLU A 149 12.20 -4.00 3.33
CA GLU A 149 11.17 -5.07 3.41
C GLU A 149 9.86 -4.43 3.85
N ASN A 150 9.90 -3.32 4.57
CA ASN A 150 8.69 -2.69 5.15
C ASN A 150 8.85 -1.19 5.24
N PHE A 151 7.78 -0.49 5.59
CA PHE A 151 7.78 0.98 5.59
C PHE A 151 8.49 1.50 6.83
N ASP A 152 8.90 0.63 7.75
CA ASP A 152 9.57 1.03 9.01
C ASP A 152 11.04 1.27 8.70
N ASP A 153 11.69 0.25 8.17
CA ASP A 153 13.09 0.37 7.67
C ASP A 153 13.11 1.53 6.68
N MET A 154 12.07 1.69 5.85
CA MET A 154 12.01 2.82 4.91
C MET A 154 12.25 4.13 5.66
N LEU A 155 11.46 4.40 6.70
CA LEU A 155 11.40 5.75 7.31
C LEU A 155 12.62 5.99 8.22
N ARG A 156 13.13 4.94 8.88
CA ARG A 156 14.42 5.01 9.64
C ARG A 156 15.50 5.67 8.76
N LEU A 157 15.76 5.07 7.61
CA LEU A 157 16.72 5.52 6.58
C LEU A 157 16.39 6.94 6.08
N VAL A 158 15.11 7.25 5.93
CA VAL A 158 14.65 8.56 5.39
C VAL A 158 14.84 9.62 6.49
N GLU A 159 14.56 9.25 7.76
CA GLU A 159 14.72 10.14 8.95
C GLU A 159 16.20 10.48 9.14
N ALA A 160 17.08 9.58 8.68
CA ALA A 160 18.55 9.69 8.74
C ALA A 160 19.09 10.37 7.46
N GLY A 161 18.23 10.91 6.62
CA GLY A 161 18.61 11.67 5.41
C GLY A 161 19.32 10.79 4.37
N VAL A 162 19.29 9.48 4.53
CA VAL A 162 19.91 8.53 3.55
C VAL A 162 19.13 8.56 2.22
N GLY A 163 17.82 8.86 2.25
CA GLY A 163 17.05 9.02 1.00
C GLY A 163 15.72 9.71 1.21
N TRP A 164 14.98 9.82 0.11
CA TRP A 164 13.51 10.11 0.06
C TRP A 164 12.82 8.77 -0.17
N GLY A 165 11.55 8.67 0.21
CA GLY A 165 10.74 7.44 0.02
C GLY A 165 9.28 7.77 -0.04
N ILE A 166 8.43 6.87 -0.53
CA ILE A 166 6.97 7.15 -0.68
C ILE A 166 6.19 6.18 0.21
N ALA A 167 5.51 6.68 1.25
CA ALA A 167 4.89 5.84 2.31
C ALA A 167 3.43 6.19 2.54
N PRO A 168 2.65 5.27 3.11
CA PRO A 168 1.25 5.52 3.44
C PRO A 168 1.09 6.65 4.47
N HIS A 169 -0.06 7.30 4.48
CA HIS A 169 -0.40 8.42 5.41
C HIS A 169 -0.14 7.96 6.85
N TYR A 170 -0.71 6.83 7.26
CA TYR A 170 -0.76 6.43 8.69
C TYR A 170 0.66 6.33 9.23
N PHE A 171 1.63 5.91 8.43
CA PHE A 171 3.08 5.89 8.83
C PHE A 171 3.64 7.30 9.07
N VAL A 172 3.29 8.25 8.21
CA VAL A 172 4.00 9.57 8.19
C VAL A 172 3.20 10.65 8.94
N GLU A 173 1.91 10.46 9.24
CA GLU A 173 1.13 11.49 9.98
C GLU A 173 1.86 11.82 11.29
N GLU A 174 2.25 10.78 12.04
CA GLU A 174 2.96 10.90 13.34
C GLU A 174 4.18 11.83 13.20
N ARG A 175 5.13 11.46 12.35
CA ARG A 175 6.44 12.12 12.23
C ARG A 175 6.28 13.52 11.61
N LEU A 176 5.26 13.73 10.79
CA LEU A 176 5.09 14.99 10.00
C LEU A 176 4.70 16.11 10.96
N ARG A 177 3.73 15.85 11.84
CA ARG A 177 3.33 16.82 12.90
C ARG A 177 4.58 17.09 13.75
N ASN A 178 5.31 16.04 14.12
CA ASN A 178 6.56 16.09 14.92
C ASN A 178 7.70 16.82 14.20
N GLY A 179 7.59 17.12 12.89
CA GLY A 179 8.63 17.83 12.12
C GLY A 179 9.88 16.98 11.84
N THR A 180 9.93 15.74 12.33
CA THR A 180 11.05 14.79 12.13
C THR A 180 11.15 14.42 10.63
N LEU A 181 10.08 14.71 9.86
CA LEU A 181 9.88 14.33 8.44
C LEU A 181 9.17 15.44 7.67
N ALA A 182 9.47 15.60 6.37
CA ALA A 182 8.90 16.62 5.46
C ALA A 182 8.32 16.01 4.17
N VAL A 183 7.21 16.56 3.67
CA VAL A 183 6.53 16.13 2.41
C VAL A 183 7.13 16.83 1.20
N LEU A 184 7.42 16.13 0.10
CA LEU A 184 7.89 16.78 -1.16
C LEU A 184 6.82 16.72 -2.25
N SER A 185 5.68 16.08 -2.01
CA SER A 185 4.79 15.57 -3.08
C SER A 185 3.64 16.53 -3.34
N GLU A 186 3.66 17.70 -2.72
CA GLU A 186 2.42 18.47 -2.61
C GLU A 186 2.19 19.29 -3.89
N LEU A 187 3.20 19.46 -4.74
CA LEU A 187 3.00 20.24 -5.99
C LEU A 187 2.68 19.25 -7.11
N TYR A 188 3.03 17.99 -6.91
CA TYR A 188 2.77 16.91 -7.89
C TYR A 188 1.30 16.55 -7.77
N GLU A 189 0.88 16.40 -6.52
CA GLU A 189 -0.51 16.05 -6.12
C GLU A 189 -0.74 16.64 -4.74
N PRO A 190 -1.46 17.77 -4.72
CA PRO A 190 -1.99 18.34 -3.48
C PRO A 190 -2.93 17.32 -2.84
N GLY A 191 -2.93 17.24 -1.52
CA GLY A 191 -3.78 16.32 -0.74
C GLY A 191 -3.05 15.03 -0.44
N GLY A 192 -1.85 14.87 -1.00
CA GLY A 192 -1.15 13.58 -1.08
C GLY A 192 -1.64 12.77 -2.27
N ILE A 193 -1.11 11.57 -2.46
CA ILE A 193 -1.35 10.83 -3.73
C ILE A 193 -2.44 9.79 -3.53
N ASP A 194 -3.64 10.03 -4.04
CA ASP A 194 -4.72 9.03 -3.89
C ASP A 194 -4.24 7.77 -4.56
N THR A 195 -4.41 6.64 -3.90
CA THR A 195 -4.07 5.35 -4.52
C THR A 195 -5.26 4.44 -4.43
N LYS A 196 -5.57 3.68 -5.47
CA LYS A 196 -6.73 2.77 -5.38
C LYS A 196 -6.36 1.60 -4.47
N VAL A 197 -7.31 1.20 -3.63
CA VAL A 197 -7.25 -0.09 -2.90
C VAL A 197 -8.08 -1.13 -3.65
N TYR A 198 -7.40 -2.14 -4.18
CA TYR A 198 -8.00 -3.23 -4.96
C TYR A 198 -8.35 -4.39 -4.04
N CYS A 199 -9.46 -5.06 -4.35
CA CYS A 199 -9.84 -6.37 -3.78
C CYS A 199 -9.74 -7.42 -4.88
N TYR A 200 -8.71 -8.25 -4.81
CA TYR A 200 -8.54 -9.46 -5.65
C TYR A 200 -9.18 -10.62 -4.87
N TYR A 201 -10.12 -11.30 -5.48
CA TYR A 201 -10.92 -12.37 -4.85
C TYR A 201 -11.07 -13.59 -5.76
N ASN A 202 -10.87 -14.77 -5.19
CA ASN A 202 -11.04 -16.07 -5.88
C ASN A 202 -12.42 -16.09 -6.53
N THR A 203 -12.46 -16.45 -7.82
CA THR A 203 -13.67 -16.41 -8.70
C THR A 203 -14.80 -17.12 -7.97
N ALA A 204 -14.46 -18.15 -7.19
CA ALA A 204 -15.38 -18.98 -6.38
C ALA A 204 -16.38 -18.10 -5.61
N LEU A 205 -16.04 -16.85 -5.34
CA LEU A 205 -16.77 -16.03 -4.33
C LEU A 205 -17.81 -15.14 -5.00
N GLU A 206 -17.77 -14.97 -6.33
CA GLU A 206 -18.48 -13.84 -7.00
C GLU A 206 -19.99 -13.96 -6.73
N SER A 207 -20.49 -15.19 -6.86
CA SER A 207 -21.93 -15.58 -6.73
C SER A 207 -22.38 -15.53 -5.27
N GLU A 208 -21.48 -15.85 -4.33
CA GLU A 208 -21.77 -16.03 -2.87
C GLU A 208 -22.24 -14.72 -2.22
N ARG A 209 -23.45 -14.68 -1.68
CA ARG A 209 -23.97 -13.48 -0.98
C ARG A 209 -22.98 -13.12 0.14
N SER A 210 -22.15 -14.07 0.59
CA SER A 210 -21.17 -13.87 1.69
C SER A 210 -20.28 -12.66 1.35
N PHE A 211 -19.77 -12.63 0.12
CA PHE A 211 -18.74 -11.68 -0.35
C PHE A 211 -19.37 -10.29 -0.52
N LEU A 212 -20.43 -10.14 -1.35
CA LEU A 212 -21.14 -8.85 -1.60
C LEU A 212 -21.36 -8.11 -0.28
N ARG A 213 -21.76 -8.85 0.77
CA ARG A 213 -21.95 -8.34 2.15
C ARG A 213 -20.67 -7.66 2.62
N PHE A 214 -19.55 -8.37 2.52
CA PHE A 214 -18.24 -7.89 3.00
C PHE A 214 -17.81 -6.66 2.21
N LEU A 215 -18.03 -6.74 0.89
CA LEU A 215 -17.63 -5.72 -0.09
C LEU A 215 -18.32 -4.41 0.30
N GLU A 216 -19.63 -4.49 0.57
CA GLU A 216 -20.48 -3.31 0.84
C GLU A 216 -19.98 -2.62 2.12
N SER A 217 -19.74 -3.43 3.14
CA SER A 217 -19.23 -3.00 4.46
C SER A 217 -17.85 -2.41 4.28
N ALA A 218 -16.96 -3.16 3.64
CA ALA A 218 -15.56 -2.77 3.40
C ALA A 218 -15.48 -1.36 2.79
N ARG A 219 -16.32 -1.11 1.78
CA ARG A 219 -16.24 0.15 1.01
C ARG A 219 -16.57 1.28 1.97
N GLN A 220 -17.65 1.12 2.75
CA GLN A 220 -18.11 2.11 3.73
C GLN A 220 -16.92 2.58 4.59
N ARG A 221 -16.29 1.65 5.30
CA ARG A 221 -15.26 2.06 6.30
C ARG A 221 -14.08 2.72 5.58
N LEU A 222 -13.60 2.22 4.42
CA LEU A 222 -12.46 2.96 3.78
C LEU A 222 -12.92 4.37 3.40
N ARG A 223 -14.18 4.55 2.97
CA ARG A 223 -14.83 5.86 2.68
C ARG A 223 -14.71 6.78 3.91
N GLU A 224 -15.24 6.29 5.03
CA GLU A 224 -15.34 7.08 6.27
C GLU A 224 -13.92 7.21 6.84
N LEU A 225 -13.05 6.23 6.57
CA LEU A 225 -11.64 6.30 7.05
C LEU A 225 -10.84 7.33 6.23
N GLY A 226 -11.25 7.66 5.00
CA GLY A 226 -10.69 8.76 4.19
C GLY A 226 -10.54 10.07 4.97
#